data_1QTJ
#
_entry.id   1QTJ
#
_cell.length_a   173.330
_cell.length_b   173.330
_cell.length_c   98.810
_cell.angle_alpha   90.00
_cell.angle_beta   90.00
_cell.angle_gamma   90.00
#
_symmetry.space_group_name_H-M   'I 4 2 2'
#
_entity_poly.entity_id   1
_entity_poly.type   'polypeptide(L)'
_entity_poly.pdbx_seq_one_letter_code
;(UNK)(UNK)(UNK)(UNK)(UNK)(UNK)(UNK)(UNK)(UNK)(UNK)(UNK)(UNK)(UNK)(UNK)(UNK)(UNK)
(UNK)(UNK)(UNK)(UNK)(UNK)(UNK)(UNK)(UNK)(UNK)(UNK)(UNK)(UNK)(UNK)(UNK)(UNK)(UNK)
(UNK)(UNK)(UNK)(UNK)(UNK)(UNK)(UNK)(UNK)(UNK)(UNK)(UNK)(UNK)(UNK)(UNK)(UNK)(UNK)
(UNK)(UNK)(UNK)(UNK)(UNK)(UNK)(UNK)(UNK)(UNK)(UNK)(UNK)(UNK)(UNK)(UNK)(UNK)(UNK)
(UNK)(UNK)(UNK)(UNK)(UNK)(UNK)(UNK)(UNK)(UNK)(UNK)(UNK)(UNK)(UNK)(UNK)(UNK)(UNK)
(UNK)(UNK)(UNK)(UNK)(UNK)(UNK)(UNK)(UNK)(UNK)(UNK)(UNK)(UNK)(UNK)(UNK)(UNK)(UNK)
(UNK)(UNK)(UNK)(UNK)(UNK)(UNK)(UNK)(UNK)(UNK)(UNK)(UNK)(UNK)(UNK)(UNK)(UNK)(UNK)
(UNK)(UNK)(UNK)(UNK)(UNK)(UNK)(UNK)(UNK)(UNK)(UNK)(UNK)(UNK)(UNK)(UNK)(UNK)(UNK)
(UNK)(UNK)(UNK)(UNK)(UNK)(UNK)(UNK)(UNK)(UNK)(UNK)(UNK)(UNK)(UNK)(UNK)(UNK)(UNK)
(UNK)(UNK)(UNK)(UNK)(UNK)(UNK)(UNK)(UNK)(UNK)(UNK)(UNK)(UNK)(UNK)(UNK)(UNK)(UNK)
(UNK)(UNK)(UNK)(UNK)(UNK)(UNK)(UNK)(UNK)(UNK)(UNK)(UNK)(UNK)(UNK)(UNK)(UNK)(UNK)
(UNK)(UNK)(UNK)(UNK)(UNK)(UNK)(UNK)(UNK)(UNK)(UNK)(UNK)(UNK)(UNK)(UNK)(UNK)(UNK)
(UNK)(UNK)(UNK)(UNK)(UNK)(UNK)(UNK)(UNK)(UNK)(UNK)(UNK)(UNK)(UNK)(UNK)(UNK)(UNK)
(UNK)(UNK)(UNK)(UNK)(UNK)(UNK)(UNK)(UNK)(UNK)
;
_entity_poly.pdbx_strand_id   A,B
#
# COMPACT_ATOMS: atom_id res chain seq x y z
N UNK A 1 -2.85 3.84 -18.58
CA UNK A 1 -3.64 2.77 -19.27
C UNK A 1 -3.93 1.58 -18.34
N UNK A 2 -3.13 1.45 -17.29
CA UNK A 2 -3.27 0.37 -16.32
C UNK A 2 -4.66 -0.27 -16.41
N UNK A 3 -4.68 -1.57 -16.74
CA UNK A 3 -5.91 -2.30 -16.89
C UNK A 3 -6.98 -1.89 -15.89
N UNK A 4 -8.24 -2.05 -16.30
CA UNK A 4 -9.37 -1.72 -15.46
C UNK A 4 -9.34 -2.53 -14.16
N UNK A 5 -8.76 -3.72 -14.21
CA UNK A 5 -8.69 -4.59 -13.03
C UNK A 5 -7.66 -4.13 -11.99
N UNK A 6 -6.92 -3.08 -12.31
CA UNK A 6 -5.91 -2.57 -11.39
C UNK A 6 -6.50 -1.48 -10.52
N UNK A 7 -7.81 -1.30 -10.60
CA UNK A 7 -8.51 -0.30 -9.81
C UNK A 7 -8.72 -0.85 -8.40
N UNK A 8 -8.56 0.00 -7.40
CA UNK A 8 -8.74 -0.46 -6.03
C UNK A 8 -9.71 0.41 -5.26
N UNK A 9 -10.28 -0.17 -4.22
CA UNK A 9 -11.21 0.52 -3.35
C UNK A 9 -10.59 0.48 -1.97
N UNK A 10 -10.71 1.56 -1.23
CA UNK A 10 -10.14 1.58 0.11
C UNK A 10 -11.23 1.73 1.14
N UNK A 11 -11.28 0.79 2.08
CA UNK A 11 -12.25 0.82 3.16
C UNK A 11 -11.42 1.32 4.34
N UNK A 12 -11.51 2.63 4.64
CA UNK A 12 -10.80 3.33 5.70
C UNK A 12 -11.05 2.83 7.12
N UNK A 13 -12.17 2.13 7.31
CA UNK A 13 -12.46 1.62 8.64
C UNK A 13 -13.81 2.13 9.13
N UNK A 14 -14.61 1.16 9.59
CA UNK A 14 -15.96 1.40 10.11
C UNK A 14 -15.96 2.07 11.49
N UNK A 15 -17.11 2.63 11.86
CA UNK A 15 -17.32 3.30 13.14
C UNK A 15 -18.73 3.91 13.18
N UNK A 16 -19.52 3.28 14.04
CA UNK A 16 -20.94 3.61 14.29
C UNK A 16 -21.37 4.86 13.51
N UNK A 17 -22.36 4.61 12.67
CA UNK A 17 -22.97 5.62 11.80
C UNK A 17 -22.24 5.63 10.46
N UNK A 18 -21.00 5.22 10.53
CA UNK A 18 -20.10 5.20 9.35
C UNK A 18 -19.70 3.79 8.95
N UNK A 19 -20.17 3.35 7.78
CA UNK A 19 -19.87 2.02 7.31
C UNK A 19 -19.42 1.99 5.86
N UNK A 20 -18.13 2.26 5.60
CA UNK A 20 -17.65 2.25 4.22
C UNK A 20 -17.91 0.86 3.63
N UNK A 21 -18.49 0.81 2.44
CA UNK A 21 -18.81 -0.47 1.83
C UNK A 21 -19.29 -0.34 0.37
N UNK A 22 -19.41 -1.47 -0.32
CA UNK A 22 -19.92 -1.50 -1.69
C UNK A 22 -21.07 -2.47 -1.75
N UNK A 23 -22.04 -2.18 -2.60
CA UNK A 23 -23.20 -3.05 -2.79
C UNK A 23 -23.34 -3.19 -4.29
N UNK A 24 -23.30 -4.41 -4.77
CA UNK A 24 -23.42 -4.64 -6.19
C UNK A 24 -24.85 -4.44 -6.69
N UNK A 25 -24.96 -3.85 -7.86
CA UNK A 25 -26.24 -3.55 -8.47
C UNK A 25 -27.11 -4.76 -8.79
N UNK A 26 -26.54 -5.74 -9.49
CA UNK A 26 -27.26 -6.94 -9.88
C UNK A 26 -27.19 -7.97 -8.77
N UNK A 27 -28.26 -8.73 -8.59
CA UNK A 27 -28.29 -9.74 -7.56
C UNK A 27 -27.73 -11.04 -8.12
N UNK A 28 -27.33 -11.95 -7.25
CA UNK A 28 -26.77 -13.24 -7.64
C UNK A 28 -27.84 -14.25 -8.00
N UNK A 29 -27.54 -15.13 -8.97
CA UNK A 29 -28.52 -16.14 -9.37
C UNK A 29 -28.42 -17.29 -8.38
N UNK A 30 -29.11 -18.39 -8.68
CA UNK A 30 -28.97 -19.55 -7.81
C UNK A 30 -27.64 -20.26 -8.04
N UNK A 31 -26.92 -20.60 -7.01
CA UNK A 31 -25.63 -21.25 -7.18
C UNK A 31 -25.40 -22.45 -6.25
N UNK A 32 -24.62 -23.41 -6.74
CA UNK A 32 -24.29 -24.61 -5.98
C UNK A 32 -22.80 -24.62 -5.68
N UNK A 33 -22.04 -23.85 -6.46
CA UNK A 33 -20.60 -23.73 -6.29
C UNK A 33 -20.26 -22.27 -6.44
N UNK A 34 -19.07 -21.88 -6.02
CA UNK A 34 -18.72 -20.47 -6.11
C UNK A 34 -17.26 -20.18 -5.76
N UNK A 35 -16.51 -19.66 -6.72
CA UNK A 35 -15.13 -19.32 -6.46
C UNK A 35 -15.07 -17.80 -6.37
N UNK A 36 -14.50 -17.29 -5.28
CA UNK A 36 -14.39 -15.86 -5.06
C UNK A 36 -12.94 -15.49 -4.83
N UNK A 37 -12.39 -14.73 -5.76
CA UNK A 37 -11.00 -14.29 -5.71
C UNK A 37 -10.87 -12.76 -5.66
N UNK A 38 -9.86 -12.29 -4.96
CA UNK A 38 -9.63 -10.85 -4.81
C UNK A 38 -8.24 -10.58 -4.29
N UNK A 39 -7.72 -9.39 -4.58
CA UNK A 39 -6.41 -8.98 -4.12
C UNK A 39 -6.70 -8.03 -2.95
N UNK A 40 -6.06 -8.21 -1.82
CA UNK A 40 -6.33 -7.31 -0.71
C UNK A 40 -5.16 -6.97 0.18
N UNK A 41 -5.15 -5.74 0.67
CA UNK A 41 -4.11 -5.23 1.56
C UNK A 41 -4.81 -5.02 2.89
N UNK A 42 -4.58 -5.91 3.84
CA UNK A 42 -5.20 -5.83 5.14
C UNK A 42 -4.68 -4.70 6.01
N UNK A 43 -5.54 -4.17 6.86
CA UNK A 43 -5.15 -3.09 7.75
C UNK A 43 -5.30 -3.62 9.17
N UNK A 44 -6.42 -4.28 9.45
CA UNK A 44 -6.71 -4.85 10.78
C UNK A 44 -6.38 -6.34 10.85
N UNK A 45 -5.92 -6.76 12.02
CA UNK A 45 -5.53 -8.15 12.28
C UNK A 45 -6.71 -8.97 12.78
N UNK A 46 -7.67 -8.32 13.43
CA UNK A 46 -8.83 -9.04 13.94
C UNK A 46 -9.77 -9.40 12.80
N UNK A 47 -10.65 -10.35 13.07
CA UNK A 47 -11.59 -10.81 12.08
C UNK A 47 -12.38 -9.71 11.41
N UNK A 48 -12.61 -9.91 10.16
CA UNK A 48 -13.39 -9.01 9.32
C UNK A 48 -13.97 -9.74 8.12
N UNK A 49 -15.17 -9.42 7.76
CA UNK A 49 -15.83 -10.07 6.64
C UNK A 49 -15.67 -9.22 5.41
N UNK A 50 -15.32 -9.86 4.30
CA UNK A 50 -15.12 -9.16 3.04
C UNK A 50 -16.31 -9.31 2.13
N UNK A 51 -16.64 -10.56 1.83
CA UNK A 51 -17.74 -10.89 0.94
C UNK A 51 -18.97 -11.33 1.73
N UNK A 52 -20.06 -10.60 1.61
CA UNK A 52 -21.29 -10.94 2.33
C UNK A 52 -22.44 -11.12 1.35
N UNK A 53 -23.05 -12.31 1.31
CA UNK A 53 -24.19 -12.54 0.41
C UNK A 53 -25.46 -12.81 1.20
N UNK A 54 -26.43 -11.91 1.09
CA UNK A 54 -27.69 -12.04 1.83
C UNK A 54 -28.94 -12.29 0.99
N UNK A 55 -29.80 -13.15 1.51
CA UNK A 55 -31.05 -13.53 0.87
C UNK A 55 -32.23 -12.98 1.65
N UNK A 56 -33.35 -12.76 0.96
CA UNK A 56 -34.55 -12.25 1.63
C UNK A 56 -34.82 -13.10 2.88
N UNK A 57 -34.65 -14.41 2.76
CA UNK A 57 -34.88 -15.34 3.85
C UNK A 57 -33.66 -15.68 4.73
N UNK A 58 -32.44 -15.37 4.27
CA UNK A 58 -31.24 -15.65 5.08
C UNK A 58 -30.13 -14.61 4.85
N UNK A 59 -29.78 -13.87 5.89
CA UNK A 59 -28.75 -12.85 5.80
C UNK A 59 -27.31 -13.39 5.79
N UNK A 60 -27.17 -14.67 6.14
CA UNK A 60 -25.86 -15.30 6.17
C UNK A 60 -25.84 -16.48 5.20
N UNK A 61 -25.92 -16.19 3.90
CA UNK A 61 -25.91 -17.25 2.90
C UNK A 61 -24.50 -17.60 2.48
N UNK A 62 -23.59 -16.64 2.62
CA UNK A 62 -22.20 -16.86 2.23
C UNK A 62 -21.37 -15.63 2.54
N UNK A 63 -20.57 -15.72 3.59
CA UNK A 63 -19.71 -14.60 3.98
C UNK A 63 -18.27 -15.08 4.11
N UNK A 64 -17.36 -14.44 3.41
CA UNK A 64 -15.97 -14.82 3.51
C UNK A 64 -15.32 -13.85 4.49
N UNK A 65 -14.52 -14.39 5.40
CA UNK A 65 -13.83 -13.59 6.38
C UNK A 65 -12.38 -14.04 6.50
N UNK A 66 -11.62 -13.33 7.33
CA UNK A 66 -10.22 -13.64 7.55
C UNK A 66 -9.77 -12.97 8.84
N UNK A 67 -8.60 -13.40 9.33
CA UNK A 67 -8.00 -12.87 10.55
C UNK A 67 -6.54 -13.31 10.61
N UNK A 68 -5.66 -12.38 10.96
CA UNK A 68 -4.25 -12.72 11.04
C UNK A 68 -3.93 -13.16 12.45
N UNK A 69 -3.10 -14.19 12.54
CA UNK A 69 -2.71 -14.73 13.81
C UNK A 69 -1.60 -13.95 14.50
N UNK A 70 -1.34 -14.29 15.76
CA UNK A 70 -0.29 -13.62 16.51
C UNK A 70 1.06 -13.73 15.83
N UNK A 71 1.38 -14.91 15.29
CA UNK A 71 2.65 -15.08 14.59
C UNK A 71 2.53 -14.64 13.14
N UNK A 72 1.43 -13.95 12.81
CA UNK A 72 1.25 -13.43 11.47
C UNK A 72 0.67 -14.50 10.54
N UNK A 73 0.14 -15.57 11.07
CA UNK A 73 -0.44 -16.61 10.22
C UNK A 73 -1.79 -16.16 9.72
N UNK A 74 -1.95 -16.16 8.41
CA UNK A 74 -3.20 -15.75 7.79
C UNK A 74 -4.24 -16.84 7.90
N UNK A 75 -5.41 -16.52 8.45
CA UNK A 75 -6.44 -17.52 8.54
C UNK A 75 -7.63 -17.08 7.69
N UNK A 76 -8.06 -17.98 6.79
CA UNK A 76 -9.18 -17.70 5.89
C UNK A 76 -10.41 -18.49 6.28
N UNK A 77 -11.49 -17.79 6.52
CA UNK A 77 -12.71 -18.48 6.91
C UNK A 77 -13.82 -18.27 5.89
N UNK A 78 -14.87 -19.03 6.04
CA UNK A 78 -16.02 -18.97 5.15
C UNK A 78 -17.21 -19.54 5.92
N UNK A 79 -18.40 -19.04 5.63
CA UNK A 79 -19.58 -19.53 6.29
C UNK A 79 -20.70 -19.63 5.26
N UNK A 80 -21.43 -20.73 5.29
CA UNK A 80 -22.51 -20.95 4.34
C UNK A 80 -23.80 -21.29 5.07
N UNK A 81 -24.87 -20.57 4.77
CA UNK A 81 -26.15 -20.87 5.37
C UNK A 81 -26.14 -20.85 6.90
N UNK A 82 -25.68 -19.75 7.49
CA UNK A 82 -25.65 -19.63 8.94
C UNK A 82 -24.68 -20.64 9.56
N UNK A 83 -24.18 -21.59 8.80
CA UNK A 83 -23.31 -22.62 9.32
C UNK A 83 -21.96 -22.05 9.73
N UNK A 84 -21.81 -21.73 11.01
CA UNK A 84 -20.60 -21.19 11.66
C UNK A 84 -19.27 -21.11 10.90
N UNK A 85 -18.53 -20.04 11.16
CA UNK A 85 -17.24 -19.78 10.51
C UNK A 85 -16.23 -20.92 10.56
N UNK A 86 -15.78 -21.34 9.38
CA UNK A 86 -14.80 -22.41 9.25
C UNK A 86 -13.49 -21.79 8.77
N UNK A 87 -12.43 -21.87 9.56
CA UNK A 87 -11.17 -21.25 9.16
C UNK A 87 -10.10 -22.25 8.70
N UNK A 88 -9.16 -21.78 7.88
CA UNK A 88 -8.08 -22.62 7.35
C UNK A 88 -6.77 -21.85 7.37
N UNK A 89 -5.80 -22.37 8.13
CA UNK A 89 -4.50 -21.74 8.27
C UNK A 89 -3.69 -21.78 7.00
N UNK A 90 -3.07 -20.66 6.66
CA UNK A 90 -2.24 -20.59 5.46
C UNK A 90 -0.78 -20.48 5.84
N UNK A 91 0.08 -21.30 5.22
CA UNK A 91 1.52 -21.32 5.47
C UNK A 91 2.30 -20.06 5.07
N UNK A 92 2.08 -18.95 5.77
CA UNK A 92 2.81 -17.73 5.45
C UNK A 92 2.49 -16.53 6.33
N UNK A 93 3.54 -15.83 6.74
CA UNK A 93 3.37 -14.66 7.59
C UNK A 93 2.75 -13.54 6.77
N UNK A 94 1.83 -12.81 7.39
CA UNK A 94 1.16 -11.71 6.72
C UNK A 94 1.77 -10.42 7.24
N UNK A 95 1.81 -9.43 6.37
CA UNK A 95 2.35 -8.13 6.72
C UNK A 95 1.28 -7.08 6.49
N UNK A 96 0.48 -6.82 7.52
CA UNK A 96 -0.58 -5.82 7.41
C UNK A 96 -0.04 -4.62 6.63
N UNK A 97 -0.82 -4.20 5.65
CA UNK A 97 -0.38 -3.09 4.82
C UNK A 97 0.34 -3.57 3.57
N UNK A 98 0.19 -4.86 3.28
CA UNK A 98 0.82 -5.47 2.11
C UNK A 98 -0.23 -6.14 1.22
N UNK A 99 0.12 -6.38 -0.03
CA UNK A 99 -0.81 -6.99 -0.98
C UNK A 99 -0.75 -8.51 -1.00
N UNK A 100 -1.92 -9.15 -1.14
CA UNK A 100 -2.00 -10.60 -1.21
C UNK A 100 -3.16 -11.00 -2.10
N UNK A 101 -3.09 -12.19 -2.68
CA UNK A 101 -4.19 -12.64 -3.51
C UNK A 101 -4.85 -13.83 -2.84
N UNK A 102 -6.13 -13.68 -2.50
CA UNK A 102 -6.85 -14.73 -1.83
C UNK A 102 -8.03 -15.21 -2.66
N UNK A 103 -8.25 -16.51 -2.63
CA UNK A 103 -9.38 -17.12 -3.34
C UNK A 103 -10.11 -18.00 -2.36
N UNK A 104 -11.42 -18.12 -2.57
CA UNK A 104 -12.24 -18.97 -1.74
C UNK A 104 -13.02 -19.75 -2.76
N UNK A 105 -13.00 -21.07 -2.67
CA UNK A 105 -13.78 -21.85 -3.60
C UNK A 105 -14.57 -22.84 -2.79
N UNK A 106 -15.89 -22.81 -2.98
CA UNK A 106 -16.83 -23.66 -2.27
C UNK A 106 -17.71 -24.45 -3.26
N UNK A 107 -18.15 -25.64 -2.84
CA UNK A 107 -18.99 -26.47 -3.68
C UNK A 107 -20.09 -27.11 -2.82
N UNK A 108 -21.30 -26.60 -2.96
CA UNK A 108 -22.40 -27.17 -2.21
C UNK A 108 -22.68 -28.61 -2.63
N UNK A 109 -22.10 -29.01 -3.76
CA UNK A 109 -22.28 -30.36 -4.26
C UNK A 109 -21.76 -31.37 -3.26
N UNK A 110 -20.44 -31.39 -3.10
CA UNK A 110 -19.77 -32.30 -2.17
C UNK A 110 -19.68 -31.71 -0.76
N UNK A 111 -19.76 -30.39 -0.67
CA UNK A 111 -19.64 -29.72 0.62
C UNK A 111 -18.19 -29.43 0.96
N UNK A 112 -17.33 -29.56 -0.05
CA UNK A 112 -15.91 -29.30 0.13
C UNK A 112 -15.66 -27.79 0.16
N UNK A 113 -14.55 -27.40 0.79
CA UNK A 113 -14.17 -25.99 0.89
C UNK A 113 -12.65 -25.90 0.75
N UNK A 114 -12.17 -24.90 0.01
CA UNK A 114 -10.74 -24.75 -0.18
C UNK A 114 -10.37 -23.30 -0.38
N UNK A 115 -9.31 -22.86 0.29
CA UNK A 115 -8.85 -21.49 0.16
C UNK A 115 -7.43 -21.45 -0.34
N UNK A 116 -7.15 -20.50 -1.21
CA UNK A 116 -5.82 -20.36 -1.76
C UNK A 116 -5.28 -18.99 -1.38
N UNK A 117 -3.98 -18.94 -1.09
CA UNK A 117 -3.34 -17.69 -0.71
C UNK A 117 -2.20 -17.49 -1.67
N UNK A 118 -2.30 -16.46 -2.50
CA UNK A 118 -1.26 -16.15 -3.47
C UNK A 118 -1.08 -17.25 -4.52
N UNK A 119 -2.18 -17.90 -4.90
CA UNK A 119 -2.14 -18.91 -5.96
C UNK A 119 -1.88 -20.30 -5.38
N UNK A 120 -1.36 -20.41 -4.18
CA UNK A 120 -1.07 -21.70 -3.56
C UNK A 120 -2.22 -22.15 -2.67
N UNK A 121 -2.49 -23.46 -2.64
CA UNK A 121 -3.58 -23.93 -1.80
C UNK A 121 -3.14 -23.94 -0.35
N UNK A 122 -4.07 -23.71 0.56
CA UNK A 122 -3.74 -23.71 1.98
C UNK A 122 -4.23 -25.00 2.63
N UNK A 123 -5.30 -25.50 2.11
CA UNK A 123 -5.91 -26.73 2.63
C UNK A 123 -7.39 -26.82 2.27
N UNK A 124 -8.07 -27.84 2.70
CA UNK A 124 -9.48 -27.98 2.39
C UNK A 124 -10.28 -28.31 3.65
N UNK A 125 -11.59 -28.42 3.48
CA UNK A 125 -12.49 -28.73 4.59
C UNK A 125 -13.63 -29.54 4.05
N UNK A 126 -14.46 -30.09 4.91
CA UNK A 126 -15.58 -30.89 4.42
C UNK A 126 -16.88 -30.55 5.14
N UNK A 127 -17.98 -30.98 4.55
CA UNK A 127 -19.29 -30.72 5.13
C UNK A 127 -19.59 -29.22 5.21
N UNK A 128 -18.69 -28.38 4.70
CA UNK A 128 -18.95 -26.94 4.71
C UNK A 128 -20.09 -26.69 3.73
N UNK A 129 -21.30 -26.51 4.24
CA UNK A 129 -22.48 -26.20 3.44
C UNK A 129 -22.80 -27.32 2.46
N UNK A 130 -22.51 -28.56 2.75
CA UNK A 130 -22.81 -29.67 1.86
C UNK A 130 -24.31 -29.74 1.56
N UNK A 131 -24.67 -29.97 0.30
CA UNK A 131 -26.06 -30.12 -0.08
C UNK A 131 -26.76 -28.76 -0.16
N UNK A 132 -26.13 -27.69 0.24
CA UNK A 132 -26.77 -26.37 0.20
C UNK A 132 -26.72 -25.78 -1.19
N UNK A 133 -27.65 -24.89 -1.47
CA UNK A 133 -27.71 -24.21 -2.74
C UNK A 133 -28.14 -22.77 -2.50
N UNK A 134 -27.18 -21.87 -2.55
CA UNK A 134 -27.47 -20.46 -2.36
C UNK A 134 -28.68 -20.13 -3.26
N UNK A 135 -29.74 -19.58 -2.68
CA UNK A 135 -30.95 -19.23 -3.43
C UNK A 135 -30.74 -18.07 -4.39
N UNK A 136 -31.56 -18.00 -5.42
CA UNK A 136 -31.48 -16.95 -6.41
C UNK A 136 -31.85 -15.60 -5.81
N UNK A 137 -31.13 -14.55 -6.19
CA UNK A 137 -31.45 -13.21 -5.72
C UNK A 137 -30.57 -12.81 -4.55
N UNK A 138 -29.33 -13.24 -4.51
CA UNK A 138 -28.45 -12.85 -3.43
C UNK A 138 -27.96 -11.42 -3.61
N UNK A 139 -27.87 -10.68 -2.52
CA UNK A 139 -27.38 -9.31 -2.57
C UNK A 139 -25.98 -9.33 -1.98
N UNK A 140 -25.00 -8.93 -2.78
CA UNK A 140 -23.61 -8.92 -2.35
C UNK A 140 -23.12 -7.56 -1.81
N UNK A 141 -22.63 -7.55 -0.57
CA UNK A 141 -22.11 -6.33 0.04
C UNK A 141 -20.62 -6.57 0.26
N UNK A 142 -19.86 -5.52 0.51
CA UNK A 142 -18.42 -5.68 0.69
C UNK A 142 -17.78 -4.86 1.81
N UNK A 143 -16.88 -5.49 2.55
CA UNK A 143 -16.15 -4.83 3.62
C UNK A 143 -17.07 -4.54 4.80
N UNK A 144 -18.27 -5.10 4.78
CA UNK A 144 -19.28 -4.93 5.83
C UNK A 144 -20.10 -6.23 5.87
N UNK A 145 -20.67 -6.55 7.02
CA UNK A 145 -21.45 -7.80 7.17
C UNK A 145 -22.96 -7.61 7.28
N UNK A 146 -23.68 -8.04 6.26
CA UNK A 146 -25.14 -7.94 6.20
C UNK A 146 -25.90 -8.72 7.27
N UNK A 147 -26.88 -8.07 7.88
CA UNK A 147 -27.72 -8.71 8.90
C UNK A 147 -29.15 -8.60 8.41
N UNK A 148 -29.27 -7.99 7.23
CA UNK A 148 -30.52 -7.80 6.51
C UNK A 148 -30.08 -7.29 5.13
N UNK A 149 -30.91 -7.44 4.11
CA UNK A 149 -30.48 -7.03 2.78
C UNK A 149 -29.95 -5.61 2.67
N UNK A 150 -28.68 -5.49 2.33
CA UNK A 150 -28.03 -4.20 2.13
C UNK A 150 -27.89 -3.45 3.44
N UNK A 151 -27.90 -4.14 4.62
CA UNK A 151 -27.78 -3.38 5.85
C UNK A 151 -27.60 -4.30 7.06
N UNK A 152 -27.81 -3.65 8.25
CA UNK A 152 -27.61 -4.35 9.50
C UNK A 152 -26.12 -4.50 9.82
N UNK A 153 -25.41 -3.42 9.53
CA UNK A 153 -23.98 -3.42 9.72
C UNK A 153 -23.56 -3.32 11.17
N UNK A 154 -22.53 -4.10 11.52
CA UNK A 154 -21.97 -4.13 12.86
C UNK A 154 -20.49 -3.81 12.76
N UNK A 155 -20.09 -2.64 13.25
CA UNK A 155 -18.70 -2.22 13.19
C UNK A 155 -17.71 -3.28 13.66
N UNK A 156 -18.18 -4.23 14.47
CA UNK A 156 -17.29 -5.28 14.96
C UNK A 156 -17.00 -6.35 13.91
N UNK A 157 -17.87 -6.48 12.90
CA UNK A 157 -17.69 -7.46 11.84
C UNK A 157 -17.25 -6.85 10.51
N UNK A 158 -16.75 -5.63 10.53
CA UNK A 158 -16.33 -4.95 9.31
C UNK A 158 -14.91 -5.35 8.89
N UNK A 159 -14.55 -5.01 7.67
CA UNK A 159 -13.21 -5.31 7.18
C UNK A 159 -12.65 -4.06 6.55
N UNK A 160 -11.44 -3.69 6.96
CA UNK A 160 -10.78 -2.51 6.45
C UNK A 160 -9.51 -2.89 5.72
N UNK A 161 -9.16 -2.09 4.77
CA UNK A 161 -7.98 -2.33 3.95
C UNK A 161 -8.21 -1.89 2.51
N UNK A 162 -7.44 -2.41 1.60
CA UNK A 162 -7.62 -2.06 0.20
C UNK A 162 -7.94 -3.34 -0.56
N UNK A 163 -8.81 -3.24 -1.56
CA UNK A 163 -9.24 -4.39 -2.35
C UNK A 163 -9.16 -4.13 -3.84
N UNK A 164 -9.00 -5.17 -4.64
CA UNK A 164 -8.90 -5.03 -6.09
C UNK A 164 -9.03 -6.35 -6.86
N UNK A 165 -9.31 -6.26 -8.14
CA UNK A 165 -9.44 -7.44 -8.97
C UNK A 165 -10.39 -8.47 -8.39
N UNK A 166 -11.50 -8.02 -7.83
CA UNK A 166 -12.46 -8.96 -7.27
C UNK A 166 -13.19 -9.68 -8.40
N UNK A 167 -12.89 -10.95 -8.57
CA UNK A 167 -13.53 -11.73 -9.61
C UNK A 167 -14.12 -13.00 -8.99
N UNK A 168 -15.21 -13.52 -9.56
CA UNK A 168 -15.79 -14.72 -9.01
C UNK A 168 -16.69 -15.48 -9.97
N UNK A 169 -16.52 -16.80 -9.97
CA UNK A 169 -17.26 -17.68 -10.83
C UNK A 169 -18.27 -18.47 -10.04
N UNK A 170 -19.23 -19.05 -10.74
CA UNK A 170 -20.24 -19.86 -10.09
C UNK A 170 -19.89 -21.32 -10.35
N UNK A 171 -18.59 -21.58 -10.36
CA UNK A 171 -18.04 -22.92 -10.58
C UNK A 171 -16.88 -23.07 -9.59
N UNK A 172 -16.57 -24.30 -9.19
CA UNK A 172 -15.46 -24.53 -8.27
C UNK A 172 -14.20 -24.69 -9.12
N UNK A 173 -13.36 -23.67 -9.17
CA UNK A 173 -12.14 -23.70 -9.98
C UNK A 173 -11.10 -24.67 -9.42
N UNK A 174 -10.10 -24.98 -10.24
CA UNK A 174 -9.02 -25.89 -9.86
C UNK A 174 -7.77 -25.20 -9.35
N UNK A 175 -7.03 -25.91 -8.50
CA UNK A 175 -5.79 -25.37 -7.96
C UNK A 175 -4.91 -24.93 -9.13
N UNK A 176 -5.17 -25.51 -10.29
CA UNK A 176 -4.44 -25.17 -11.50
C UNK A 176 -4.97 -23.85 -12.02
N UNK A 177 -6.29 -23.79 -12.23
CA UNK A 177 -6.93 -22.58 -12.71
C UNK A 177 -6.55 -21.44 -11.78
N UNK A 178 -6.82 -21.62 -10.49
CA UNK A 178 -6.55 -20.61 -9.47
C UNK A 178 -5.17 -19.99 -9.59
N UNK A 179 -4.15 -20.82 -9.79
CA UNK A 179 -2.81 -20.28 -9.90
C UNK A 179 -2.74 -19.28 -11.06
N UNK A 180 -3.34 -19.64 -12.19
CA UNK A 180 -3.33 -18.76 -13.36
C UNK A 180 -4.06 -17.46 -13.03
N UNK A 181 -5.12 -17.58 -12.24
CA UNK A 181 -5.94 -16.43 -11.85
C UNK A 181 -5.22 -15.48 -10.91
N UNK A 182 -4.41 -16.02 -10.01
CA UNK A 182 -3.69 -15.21 -9.02
C UNK A 182 -2.45 -14.47 -9.53
N UNK A 183 -1.87 -14.96 -10.62
CA UNK A 183 -0.66 -14.36 -11.17
C UNK A 183 -0.87 -13.02 -11.88
N UNK A 184 -0.05 -12.04 -11.52
CA UNK A 184 -0.08 -10.68 -12.09
C UNK A 184 0.13 -10.64 -13.61
N UNK A 185 1.17 -11.32 -14.08
CA UNK A 185 1.51 -11.36 -15.49
C UNK A 185 0.49 -12.13 -16.35
N UNK A 186 0.24 -13.40 -15.98
CA UNK A 186 -0.69 -14.27 -16.72
C UNK A 186 -2.12 -13.74 -16.91
N UNK A 187 -2.53 -13.72 -18.18
CA UNK A 187 -3.85 -13.27 -18.64
C UNK A 187 -4.90 -13.07 -17.53
N UNK A 188 -4.82 -11.90 -16.87
CA UNK A 188 -5.85 -11.66 -15.87
C UNK A 188 -7.20 -12.15 -16.34
N UNK A 189 -7.68 -13.23 -15.77
CA UNK A 189 -8.94 -13.81 -16.21
C UNK A 189 -10.09 -13.07 -15.57
N UNK A 190 -11.24 -13.04 -16.23
CA UNK A 190 -12.39 -12.33 -15.68
C UNK A 190 -13.41 -13.36 -15.19
N UNK A 191 -14.07 -13.04 -14.08
CA UNK A 191 -15.05 -13.96 -13.51
C UNK A 191 -16.36 -13.91 -14.29
N UNK A 192 -17.08 -15.03 -14.30
CA UNK A 192 -18.33 -15.06 -15.03
C UNK A 192 -19.52 -14.52 -14.27
N UNK A 193 -19.47 -14.52 -12.94
CA UNK A 193 -20.60 -13.98 -12.21
C UNK A 193 -20.35 -12.53 -11.94
N UNK A 194 -19.16 -12.23 -11.44
CA UNK A 194 -18.77 -10.85 -11.14
C UNK A 194 -17.41 -10.59 -11.71
N UNK A 195 -17.28 -9.48 -12.42
CA UNK A 195 -16.01 -9.09 -13.01
C UNK A 195 -15.69 -7.70 -12.50
N UNK A 196 -14.53 -7.57 -11.88
CA UNK A 196 -14.11 -6.29 -11.33
C UNK A 196 -14.32 -5.16 -12.32
N UNK A 197 -15.07 -4.15 -11.87
CA UNK A 197 -15.37 -2.97 -12.67
C UNK A 197 -16.39 -3.21 -13.79
N UNK A 198 -16.44 -4.41 -14.32
CA UNK A 198 -17.40 -4.71 -15.37
C UNK A 198 -18.80 -4.61 -14.76
N UNK A 199 -19.14 -5.51 -13.84
CA UNK A 199 -20.45 -5.44 -13.21
C UNK A 199 -20.39 -4.30 -12.22
N UNK A 200 -21.33 -3.37 -12.32
CA UNK A 200 -21.37 -2.18 -11.48
C UNK A 200 -21.88 -2.37 -10.07
N UNK A 201 -21.66 -1.36 -9.22
CA UNK A 201 -22.08 -1.40 -7.82
C UNK A 201 -22.17 0.00 -7.19
N UNK A 202 -22.65 0.04 -5.95
CA UNK A 202 -22.83 1.31 -5.23
C UNK A 202 -21.85 1.57 -4.12
N UNK A 203 -21.48 2.83 -3.95
CA UNK A 203 -20.54 3.23 -2.92
C UNK A 203 -21.17 4.20 -1.93
N UNK A 204 -20.85 4.01 -0.66
CA UNK A 204 -21.36 4.91 0.37
C UNK A 204 -20.40 4.92 1.54
N UNK A 205 -20.45 6.04 2.25
CA UNK A 205 -19.66 6.22 3.45
C UNK A 205 -18.13 6.12 3.32
N UNK A 206 -17.61 6.99 2.48
CA UNK A 206 -16.16 7.29 2.35
C UNK A 206 -15.21 6.21 1.75
N UNK A 207 -15.65 5.24 0.98
CA UNK A 207 -14.65 4.32 0.35
C UNK A 207 -13.79 5.18 -0.58
N UNK A 208 -12.49 4.92 -0.62
CA UNK A 208 -11.63 5.72 -1.48
C UNK A 208 -11.24 4.93 -2.71
N UNK A 209 -11.36 5.56 -3.87
CA UNK A 209 -11.04 4.91 -5.14
C UNK A 209 -9.67 5.30 -5.69
N UNK A 210 -8.88 4.31 -6.12
CA UNK A 210 -7.56 4.61 -6.65
C UNK A 210 -7.03 3.46 -7.49
N UNK A 211 -5.70 3.28 -7.50
CA UNK A 211 -5.06 2.21 -8.27
C UNK A 211 -4.16 1.32 -7.41
N UNK A 212 -4.25 0.00 -7.60
CA UNK A 212 -3.44 -0.93 -6.85
C UNK A 212 -2.09 -1.14 -7.53
N UNK A 213 -1.01 -0.85 -6.80
CA UNK A 213 0.34 -1.00 -7.31
C UNK A 213 0.94 -2.36 -6.99
N UNK A 214 0.07 -3.37 -6.86
CA UNK A 214 0.51 -4.72 -6.56
C UNK A 214 1.13 -5.37 -7.78
N UNK A 215 0.48 -5.21 -8.94
CA UNK A 215 0.95 -5.80 -10.20
C UNK A 215 1.81 -4.81 -11.00
N UNK A 216 1.18 -3.78 -11.54
CA UNK A 216 1.90 -2.79 -12.33
C UNK A 216 2.60 -1.83 -11.38
N UNK A 217 3.37 -0.88 -11.92
CA UNK A 217 4.06 0.10 -11.09
C UNK A 217 4.36 1.40 -11.85
N UNK B 1 18.53 14.69 -25.12
CA UNK B 1 17.19 14.03 -24.90
C UNK B 1 17.07 13.45 -23.49
N UNK B 2 18.22 13.18 -22.85
CA UNK B 2 18.26 12.62 -21.51
C UNK B 2 16.91 12.78 -20.80
N UNK B 3 16.30 11.65 -20.45
CA UNK B 3 15.00 11.64 -19.79
C UNK B 3 14.83 12.79 -18.80
N UNK B 4 13.59 13.20 -18.61
CA UNK B 4 13.25 14.27 -17.69
C UNK B 4 13.70 13.92 -16.27
N UNK B 5 13.73 12.63 -15.96
CA UNK B 5 14.12 12.18 -14.62
C UNK B 5 15.61 12.29 -14.35
N UNK B 6 16.39 12.66 -15.36
CA UNK B 6 17.83 12.80 -15.22
C UNK B 6 18.20 14.22 -14.82
N UNK B 7 17.19 15.02 -14.50
CA UNK B 7 17.40 16.40 -14.09
C UNK B 7 17.79 16.40 -12.61
N UNK B 8 18.73 17.27 -12.25
CA UNK B 8 19.16 17.32 -10.87
C UNK B 8 19.09 18.72 -10.30
N UNK B 9 19.03 18.81 -8.99
CA UNK B 9 18.98 20.08 -8.29
C UNK B 9 20.18 20.07 -7.37
N UNK B 10 20.84 21.19 -7.22
CA UNK B 10 22.00 21.25 -6.36
C UNK B 10 21.75 22.20 -5.21
N UNK B 11 21.91 21.69 -3.99
CA UNK B 11 21.73 22.48 -2.79
C UNK B 11 23.16 22.75 -2.36
N UNK B 12 23.67 23.96 -2.69
CA UNK B 12 25.04 24.42 -2.40
C UNK B 12 25.42 24.51 -0.94
N UNK B 13 24.42 24.54 -0.07
CA UNK B 13 24.72 24.61 1.35
C UNK B 13 24.10 25.85 2.00
N UNK B 14 23.40 25.59 3.10
CA UNK B 14 22.72 26.61 3.89
C UNK B 14 23.66 27.49 4.68
N UNK B 15 23.14 28.63 5.12
CA UNK B 15 23.87 29.61 5.91
C UNK B 15 22.99 30.85 6.16
N UNK B 16 22.62 30.96 7.43
CA UNK B 16 21.77 32.04 7.97
C UNK B 16 21.43 33.07 6.91
N UNK B 17 20.13 33.19 6.70
CA UNK B 17 19.53 34.12 5.73
C UNK B 17 19.39 33.42 4.38
N UNK B 18 20.26 32.44 4.19
CA UNK B 18 20.32 31.68 2.93
C UNK B 18 19.96 30.21 3.14
N UNK B 19 18.82 29.80 2.55
CA UNK B 19 18.37 28.43 2.70
C UNK B 19 17.94 27.81 1.38
N UNK B 20 18.90 27.31 0.59
CA UNK B 20 18.53 26.71 -0.70
C UNK B 20 17.57 25.56 -0.42
N UNK B 21 16.46 25.52 -1.17
CA UNK B 21 15.46 24.46 -0.95
C UNK B 21 14.36 24.47 -2.01
N UNK B 22 13.53 23.44 -2.01
CA UNK B 22 12.40 23.33 -2.93
C UNK B 22 11.14 23.12 -2.12
N UNK B 23 10.03 23.64 -2.60
CA UNK B 23 8.73 23.49 -1.95
C UNK B 23 7.78 23.07 -3.04
N UNK B 24 7.15 21.92 -2.87
CA UNK B 24 6.24 21.45 -3.88
C UNK B 24 4.93 22.24 -3.87
N UNK B 25 4.41 22.49 -5.07
CA UNK B 25 3.18 23.24 -5.25
C UNK B 25 1.94 22.62 -4.64
N UNK B 26 1.68 21.35 -4.96
CA UNK B 26 0.52 20.63 -4.44
C UNK B 26 0.83 20.03 -3.07
N UNK B 27 -0.17 20.01 -2.21
CA UNK B 27 0.02 19.45 -0.88
C UNK B 27 -0.28 17.95 -0.92
N UNK B 28 0.21 17.22 0.07
CA UNK B 28 0.01 15.79 0.15
C UNK B 28 -1.36 15.41 0.72
N UNK B 29 -1.94 14.30 0.24
CA UNK B 29 -3.25 13.88 0.73
C UNK B 29 -3.03 13.13 2.05
N UNK B 30 -4.09 12.52 2.56
CA UNK B 30 -3.90 11.71 3.76
C UNK B 30 -3.23 10.39 3.43
N UNK B 31 -2.24 9.98 4.17
CA UNK B 31 -1.53 8.73 3.88
C UNK B 31 -1.25 7.88 5.12
N UNK B 32 -1.21 6.56 4.90
CA UNK B 32 -0.94 5.59 5.96
C UNK B 32 0.37 4.90 5.69
N UNK B 33 0.80 4.94 4.43
CA UNK B 33 2.06 4.33 4.00
C UNK B 33 2.74 5.31 3.09
N UNK B 34 4.02 5.13 2.84
CA UNK B 34 4.70 6.07 1.96
C UNK B 34 6.11 5.65 1.60
N UNK B 35 6.36 5.44 0.31
CA UNK B 35 7.70 5.08 -0.12
C UNK B 35 8.30 6.31 -0.79
N UNK B 36 9.48 6.71 -0.33
CA UNK B 36 10.16 7.88 -0.87
C UNK B 36 11.54 7.50 -1.37
N UNK B 37 11.73 7.59 -2.69
CA UNK B 37 12.98 7.24 -3.34
C UNK B 37 13.61 8.43 -4.07
N UNK B 38 14.94 8.49 -4.07
CA UNK B 38 15.66 9.59 -4.69
C UNK B 38 17.11 9.21 -4.90
N UNK B 39 17.75 9.84 -5.87
CA UNK B 39 19.16 9.62 -6.14
C UNK B 39 19.87 10.84 -5.55
N UNK B 40 20.92 10.64 -4.77
CA UNK B 40 21.59 11.79 -4.20
C UNK B 40 23.10 11.68 -4.05
N UNK B 41 23.76 12.82 -4.22
CA UNK B 41 25.21 12.91 -4.10
C UNK B 41 25.43 13.78 -2.88
N UNK B 42 25.83 13.16 -1.78
CA UNK B 42 26.06 13.87 -0.53
C UNK B 42 27.31 14.74 -0.53
N UNK B 43 27.25 15.85 0.19
CA UNK B 43 28.39 16.75 0.28
C UNK B 43 28.86 16.73 1.73
N UNK B 44 27.91 16.87 2.67
CA UNK B 44 28.21 16.88 4.11
C UNK B 44 28.00 15.51 4.73
N UNK B 45 28.85 15.21 5.72
CA UNK B 45 28.82 13.94 6.44
C UNK B 45 27.89 13.99 7.66
N UNK B 46 27.70 15.19 8.22
CA UNK B 46 26.83 15.33 9.38
C UNK B 46 25.38 15.23 8.96
N UNK B 47 24.52 14.97 9.93
CA UNK B 47 23.10 14.82 9.66
C UNK B 47 22.49 15.98 8.89
N UNK B 48 21.59 15.62 8.05
CA UNK B 48 20.84 16.57 7.23
C UNK B 48 19.50 15.99 6.80
N UNK B 49 18.49 16.78 6.78
CA UNK B 49 17.18 16.28 6.41
C UNK B 49 16.92 16.59 4.94
N UNK B 50 16.39 15.60 4.23
CA UNK B 50 16.11 15.75 2.81
C UNK B 50 14.65 16.03 2.55
N UNK B 51 13.81 15.11 3.00
CA UNK B 51 12.36 15.20 2.83
C UNK B 51 11.69 15.65 4.12
N UNK B 52 11.01 16.78 4.06
CA UNK B 52 10.33 17.30 5.23
C UNK B 52 8.84 17.53 4.93
N UNK B 53 7.96 16.85 5.66
CA UNK B 53 6.52 17.03 5.44
C UNK B 53 5.86 17.67 6.66
N UNK B 54 5.33 18.87 6.50
CA UNK B 54 4.71 19.60 7.59
C UNK B 54 3.20 19.85 7.46
N UNK B 55 2.51 19.71 8.60
CA UNK B 55 1.07 19.88 8.69
C UNK B 55 0.77 21.14 9.48
N UNK B 56 -0.41 21.72 9.22
CA UNK B 56 -0.83 22.92 9.95
C UNK B 56 -0.65 22.69 11.46
N UNK B 57 -1.02 21.50 11.91
CA UNK B 57 -0.93 21.13 13.32
C UNK B 57 0.37 20.43 13.75
N UNK B 58 1.19 19.96 12.82
CA UNK B 58 2.46 19.29 13.17
C UNK B 58 3.55 19.50 12.11
N UNK B 59 4.62 20.20 12.49
CA UNK B 59 5.71 20.48 11.57
C UNK B 59 6.64 19.29 11.30
N UNK B 60 6.51 18.26 12.14
CA UNK B 60 7.34 17.06 11.99
C UNK B 60 6.46 15.84 11.75
N UNK B 61 5.80 15.80 10.60
CA UNK B 61 4.93 14.68 10.28
C UNK B 61 5.70 13.57 9.60
N UNK B 62 6.80 13.92 8.96
CA UNK B 62 7.60 12.93 8.25
C UNK B 62 8.82 13.58 7.63
N UNK B 63 9.98 13.35 8.24
CA UNK B 63 11.22 13.91 7.73
C UNK B 63 12.24 12.81 7.56
N UNK B 64 12.81 12.70 6.36
CA UNK B 64 13.82 11.68 6.14
C UNK B 64 15.16 12.38 6.25
N UNK B 65 16.09 11.75 6.97
CA UNK B 65 17.43 12.30 7.14
C UNK B 65 18.47 11.22 6.95
N UNK B 66 19.73 11.62 7.02
CA UNK B 66 20.84 10.69 6.85
C UNK B 66 22.10 11.33 7.42
N UNK B 67 23.12 10.50 7.60
CA UNK B 67 24.41 10.93 8.12
C UNK B 67 25.43 9.82 7.87
N UNK B 68 26.61 10.21 7.42
CA UNK B 68 27.66 9.23 7.14
C UNK B 68 28.50 9.05 8.38
N UNK B 69 28.85 7.80 8.63
CA UNK B 69 29.65 7.48 9.78
C UNK B 69 31.15 7.70 9.57
N UNK B 70 31.89 7.59 10.67
CA UNK B 70 33.34 7.77 10.65
C UNK B 70 34.00 6.83 9.64
N UNK B 71 33.58 5.56 9.65
CA UNK B 71 34.13 4.59 8.71
C UNK B 71 33.40 4.66 7.37
N UNK B 72 32.61 5.71 7.16
CA UNK B 72 31.92 5.92 5.90
C UNK B 72 30.63 5.10 5.83
N UNK B 73 30.15 4.63 6.96
CA UNK B 73 28.90 3.86 6.96
C UNK B 73 27.72 4.80 6.83
N UNK B 74 26.91 4.55 5.81
CA UNK B 74 25.74 5.37 5.56
C UNK B 74 24.64 5.05 6.53
N UNK B 75 24.12 6.05 7.21
CA UNK B 75 23.02 5.80 8.12
C UNK B 75 21.78 6.55 7.64
N UNK B 76 20.69 5.82 7.49
CA UNK B 76 19.43 6.41 7.03
C UNK B 76 18.42 6.50 8.16
N UNK B 77 17.94 7.70 8.41
CA UNK B 77 16.97 7.87 9.47
C UNK B 77 15.63 8.36 8.93
N UNK B 78 14.62 8.30 9.78
CA UNK B 78 13.27 8.72 9.44
C UNK B 78 12.56 9.06 10.73
N UNK B 79 11.65 10.02 10.68
CA UNK B 79 10.91 10.38 11.87
C UNK B 79 9.47 10.63 11.47
N UNK B 80 8.54 10.11 12.27
CA UNK B 80 7.12 10.26 11.98
C UNK B 80 6.38 10.82 13.19
N UNK B 81 5.62 11.89 12.97
CA UNK B 81 4.86 12.47 14.05
C UNK B 81 5.69 12.84 15.28
N UNK B 82 6.72 13.67 15.10
CA UNK B 82 7.55 14.11 16.20
C UNK B 82 8.29 12.94 16.84
N UNK B 83 7.97 11.71 16.49
CA UNK B 83 8.59 10.54 17.08
C UNK B 83 10.05 10.41 16.66
N UNK B 84 10.95 10.92 17.51
CA UNK B 84 12.42 10.88 17.37
C UNK B 84 13.08 10.08 16.24
N UNK B 85 14.16 10.64 15.70
CA UNK B 85 14.91 10.03 14.60
C UNK B 85 15.34 8.58 14.81
N UNK B 86 14.91 7.71 13.89
CA UNK B 86 15.26 6.28 13.93
C UNK B 86 16.22 6.01 12.78
N UNK B 87 17.45 5.60 13.10
CA UNK B 87 18.43 5.35 12.04
C UNK B 87 18.68 3.85 11.77
N UNK B 88 19.13 3.55 10.55
CA UNK B 88 19.43 2.18 10.13
C UNK B 88 20.72 2.14 9.33
N UNK B 89 21.69 1.40 9.85
CA UNK B 89 23.01 1.28 9.22
C UNK B 89 22.95 0.52 7.91
N UNK B 90 23.63 1.03 6.90
CA UNK B 90 23.65 0.35 5.60
C UNK B 90 25.03 -0.22 5.33
N UNK B 91 25.09 -1.50 4.92
CA UNK B 91 26.34 -2.19 4.61
C UNK B 91 27.16 -1.66 3.43
N UNK B 92 27.71 -0.46 3.55
CA UNK B 92 28.53 0.08 2.47
C UNK B 92 29.14 1.45 2.74
N UNK B 93 30.43 1.59 2.39
CA UNK B 93 31.13 2.84 2.57
C UNK B 93 30.58 3.86 1.61
N UNK B 94 30.44 5.09 2.09
CA UNK B 94 29.93 6.17 1.27
C UNK B 94 31.10 7.04 0.87
N UNK B 95 31.00 7.62 -0.32
CA UNK B 95 32.03 8.48 -0.83
C UNK B 95 31.42 9.85 -1.13
N UNK B 96 31.44 10.74 -0.14
CA UNK B 96 30.89 12.07 -0.32
C UNK B 96 31.28 12.58 -1.70
N UNK B 97 30.29 13.08 -2.43
CA UNK B 97 30.54 13.57 -3.77
C UNK B 97 30.30 12.48 -4.81
N UNK B 98 29.60 11.44 -4.39
CA UNK B 98 29.28 10.31 -5.27
C UNK B 98 27.78 10.08 -5.32
N UNK B 99 27.29 9.39 -6.34
CA UNK B 99 25.87 9.13 -6.49
C UNK B 99 25.40 7.86 -5.82
N UNK B 100 24.21 7.90 -5.23
CA UNK B 100 23.61 6.74 -4.57
C UNK B 100 22.10 6.79 -4.69
N UNK B 101 21.45 5.65 -4.63
CA UNK B 101 20.00 5.63 -4.70
C UNK B 101 19.45 5.17 -3.38
N UNK B 102 18.68 6.04 -2.74
CA UNK B 102 18.13 5.72 -1.44
C UNK B 102 16.62 5.72 -1.48
N UNK B 103 16.02 4.77 -0.76
CA UNK B 103 14.57 4.69 -0.66
C UNK B 103 14.21 4.59 0.80
N UNK B 104 13.06 5.11 1.15
CA UNK B 104 12.57 5.05 2.51
C UNK B 104 11.15 4.55 2.33
N UNK B 105 10.79 3.49 3.04
CA UNK B 105 9.43 3.01 2.92
C UNK B 105 8.91 2.83 4.32
N UNK B 106 7.79 3.48 4.60
CA UNK B 106 7.15 3.44 5.90
C UNK B 106 5.69 3.01 5.78
N UNK B 107 5.17 2.36 6.82
CA UNK B 107 3.79 1.91 6.84
C UNK B 107 3.17 2.16 8.21
N UNK B 108 2.32 3.17 8.29
CA UNK B 108 1.67 3.47 9.55
C UNK B 108 0.74 2.34 9.97
N UNK B 109 0.49 1.43 9.04
CA UNK B 109 -0.37 0.29 9.33
C UNK B 109 0.22 -0.58 10.44
N UNK B 110 1.33 -1.23 10.12
CA UNK B 110 2.05 -2.09 11.07
C UNK B 110 3.08 -1.29 11.89
N UNK B 111 3.48 -0.14 11.37
CA UNK B 111 4.47 0.66 12.05
C UNK B 111 5.90 0.24 11.67
N UNK B 112 5.98 -0.57 10.62
CA UNK B 112 7.26 -1.04 10.14
C UNK B 112 7.98 0.06 9.38
N UNK B 113 9.31 -0.03 9.31
CA UNK B 113 10.12 0.95 8.61
C UNK B 113 11.27 0.21 7.93
N UNK B 114 11.57 0.58 6.69
CA UNK B 114 12.66 -0.08 5.96
C UNK B 114 13.31 0.87 4.99
N UNK B 115 14.65 0.85 4.95
CA UNK B 115 15.39 1.71 4.05
C UNK B 115 16.25 0.87 3.13
N UNK B 116 16.32 1.29 1.87
CA UNK B 116 17.11 0.58 0.88
C UNK B 116 18.20 1.51 0.37
N UNK B 117 19.38 0.96 0.13
CA UNK B 117 20.48 1.75 -0.38
C UNK B 117 20.94 1.08 -1.67
N UNK B 118 20.76 1.78 -2.77
CA UNK B 118 21.16 1.24 -4.06
C UNK B 118 20.38 -0.01 -4.46
N UNK B 119 19.10 -0.06 -4.09
CA UNK B 119 18.24 -1.17 -4.47
C UNK B 119 18.30 -2.31 -3.46
N UNK B 120 19.29 -2.36 -2.60
CA UNK B 120 19.43 -3.42 -1.61
C UNK B 120 18.84 -2.97 -0.28
N UNK B 121 18.22 -3.90 0.47
CA UNK B 121 17.65 -3.51 1.76
C UNK B 121 18.76 -3.39 2.78
N UNK B 122 18.60 -2.48 3.73
CA UNK B 122 19.61 -2.29 4.76
C UNK B 122 19.14 -2.94 6.06
N UNK B 123 17.85 -2.93 6.27
CA UNK B 123 17.26 -3.50 7.47
C UNK B 123 15.88 -2.89 7.74
N UNK B 124 15.24 -3.27 8.80
CA UNK B 124 13.93 -2.74 9.12
C UNK B 124 13.86 -2.28 10.58
N UNK B 125 12.71 -1.74 10.96
CA UNK B 125 12.49 -1.25 12.32
C UNK B 125 11.03 -1.46 12.65
N UNK B 126 10.67 -1.25 13.90
CA UNK B 126 9.27 -1.45 14.27
C UNK B 126 8.75 -0.33 15.16
N UNK B 127 7.44 -0.24 15.26
CA UNK B 127 6.81 0.78 16.07
C UNK B 127 7.11 2.18 15.54
N UNK B 128 7.82 2.28 14.41
CA UNK B 128 8.11 3.59 13.84
C UNK B 128 6.77 4.14 13.33
N UNK B 129 6.16 5.05 14.09
CA UNK B 129 4.93 5.71 13.71
C UNK B 129 3.79 4.71 13.54
N UNK B 130 3.76 3.61 14.26
CA UNK B 130 2.69 2.64 14.16
C UNK B 130 1.34 3.28 14.47
N UNK B 131 0.31 2.97 13.69
CA UNK B 131 -1.04 3.48 13.92
C UNK B 131 -1.17 4.93 13.47
N UNK B 132 -0.10 5.58 13.08
CA UNK B 132 -0.19 6.97 12.66
C UNK B 132 -0.68 7.09 11.23
N UNK B 133 -1.27 8.24 10.92
CA UNK B 133 -1.77 8.51 9.59
C UNK B 133 -1.52 9.97 9.27
N UNK B 134 -0.49 10.21 8.46
CA UNK B 134 -0.14 11.56 8.08
C UNK B 134 -1.44 12.22 7.61
N UNK B 135 -1.78 13.38 8.20
CA UNK B 135 -3.01 14.08 7.84
C UNK B 135 -2.96 14.69 6.46
N UNK B 136 -4.13 14.91 5.89
CA UNK B 136 -4.24 15.49 4.54
C UNK B 136 -3.78 16.93 4.52
N UNK B 137 -3.06 17.33 3.47
CA UNK B 137 -2.62 18.70 3.34
C UNK B 137 -1.18 18.87 3.81
N UNK B 138 -0.34 17.88 3.61
CA UNK B 138 1.05 18.02 4.00
C UNK B 138 1.82 18.89 3.00
N UNK B 139 2.70 19.72 3.51
CA UNK B 139 3.51 20.58 2.65
C UNK B 139 4.92 19.98 2.63
N UNK B 140 5.39 19.60 1.46
CA UNK B 140 6.71 18.99 1.31
C UNK B 140 7.83 19.98 0.95
N UNK B 141 8.87 20.05 1.77
CA UNK B 141 10.01 20.94 1.51
C UNK B 141 11.19 20.03 1.27
N UNK B 142 12.28 20.55 0.72
CA UNK B 142 13.44 19.73 0.43
C UNK B 142 14.80 20.35 0.74
N UNK B 143 15.69 19.53 1.31
CA UNK B 143 17.04 19.98 1.62
C UNK B 143 17.05 20.99 2.75
N UNK B 144 15.91 21.15 3.42
CA UNK B 144 15.73 22.07 4.53
C UNK B 144 14.71 21.43 5.47
N UNK B 145 14.75 21.77 6.76
CA UNK B 145 13.81 21.18 7.74
C UNK B 145 12.74 22.15 8.28
N UNK B 146 11.50 21.89 7.90
CA UNK B 146 10.37 22.73 8.32
C UNK B 146 10.09 22.75 9.81
N UNK B 147 9.87 23.94 10.35
CA UNK B 147 9.54 24.11 11.77
C UNK B 147 8.21 24.82 11.82
N UNK B 148 7.68 25.08 10.62
CA UNK B 148 6.39 25.72 10.39
C UNK B 148 6.18 25.55 8.88
N UNK B 149 4.93 25.60 8.42
CA UNK B 149 4.69 25.39 6.99
C UNK B 149 5.52 26.25 6.05
N UNK B 150 6.38 25.59 5.28
CA UNK B 150 7.20 26.27 4.28
C UNK B 150 8.25 27.14 4.94
N UNK B 151 8.63 26.88 6.24
CA UNK B 151 9.64 27.74 6.83
C UNK B 151 10.11 27.20 8.17
N UNK B 152 10.80 28.15 8.90
CA UNK B 152 11.38 27.78 10.18
C UNK B 152 12.66 26.96 10.00
N UNK B 153 13.41 27.41 8.99
CA UNK B 153 14.64 26.71 8.65
C UNK B 153 15.77 26.93 9.63
N UNK B 154 16.51 25.85 9.91
CA UNK B 154 17.63 25.86 10.84
C UNK B 154 18.85 25.35 10.06
N UNK B 155 19.81 26.23 9.79
CA UNK B 155 21.00 25.82 9.03
C UNK B 155 21.69 24.57 9.58
N UNK B 156 21.42 24.23 10.83
CA UNK B 156 22.03 23.03 11.41
C UNK B 156 21.34 21.74 10.94
N UNK B 157 20.09 21.84 10.50
CA UNK B 157 19.34 20.67 10.04
C UNK B 157 19.18 20.62 8.52
N UNK B 158 19.98 21.38 7.79
CA UNK B 158 19.88 21.40 6.34
C UNK B 158 20.63 20.24 5.69
N UNK B 159 20.38 20.03 4.41
CA UNK B 159 21.07 18.97 3.69
C UNK B 159 21.58 19.54 2.39
N UNK B 160 22.87 19.33 2.13
CA UNK B 160 23.51 19.82 0.92
C UNK B 160 23.98 18.66 0.07
N UNK B 161 24.02 18.89 -1.20
CA UNK B 161 24.42 17.87 -2.16
C UNK B 161 23.63 17.99 -3.45
N UNK B 162 23.56 16.95 -4.21
CA UNK B 162 22.81 17.00 -5.46
C UNK B 162 21.74 15.93 -5.35
N UNK B 163 20.57 16.21 -5.92
CA UNK B 163 19.42 15.28 -5.87
C UNK B 163 18.77 15.08 -7.23
N UNK B 164 18.13 13.94 -7.43
CA UNK B 164 17.49 13.66 -8.71
C UNK B 164 16.55 12.45 -8.68
N UNK B 165 15.68 12.35 -9.66
CA UNK B 165 14.74 11.24 -9.74
C UNK B 165 13.97 11.03 -8.46
N UNK B 166 13.54 12.12 -7.81
CA UNK B 166 12.78 11.97 -6.57
C UNK B 166 11.38 11.48 -6.90
N UNK B 167 11.10 10.24 -6.56
CA UNK B 167 9.78 9.68 -6.81
C UNK B 167 9.24 9.10 -5.51
N UNK B 168 7.93 9.10 -5.35
CA UNK B 168 7.35 8.55 -4.13
C UNK B 168 5.88 8.15 -4.24
N UNK B 169 5.59 6.98 -3.68
CA UNK B 169 4.25 6.42 -3.69
C UNK B 169 3.63 6.50 -2.33
N UNK B 170 2.32 6.35 -2.28
CA UNK B 170 1.60 6.37 -1.02
C UNK B 170 1.26 4.92 -0.66
N UNK B 171 2.18 4.04 -1.01
CA UNK B 171 2.05 2.61 -0.74
C UNK B 171 3.42 2.13 -0.28
N UNK B 172 3.46 1.07 0.51
CA UNK B 172 4.76 0.53 0.97
C UNK B 172 5.22 -0.46 -0.10
N UNK B 173 6.21 -0.06 -0.91
CA UNK B 173 6.71 -0.94 -1.97
C UNK B 173 7.50 -2.13 -1.44
N UNK B 174 7.75 -3.10 -2.31
CA UNK B 174 8.48 -4.31 -1.95
C UNK B 174 9.97 -4.27 -2.31
N UNK B 175 10.76 -5.01 -1.54
CA UNK B 175 12.21 -5.09 -1.78
C UNK B 175 12.40 -5.45 -3.25
N UNK B 176 11.38 -6.09 -3.82
CA UNK B 176 11.43 -6.48 -5.23
C UNK B 176 11.17 -5.26 -6.07
N UNK B 177 10.06 -4.59 -5.80
CA UNK B 177 9.71 -3.40 -6.54
C UNK B 177 10.87 -2.42 -6.45
N UNK B 178 11.28 -2.12 -5.22
CA UNK B 178 12.37 -1.17 -4.98
C UNK B 178 13.60 -1.40 -5.86
N UNK B 179 14.00 -2.66 -5.98
CA UNK B 179 15.17 -2.94 -6.79
C UNK B 179 14.92 -2.45 -8.22
N UNK B 180 13.74 -2.71 -8.76
CA UNK B 180 13.43 -2.28 -10.13
C UNK B 180 13.46 -0.76 -10.21
N UNK B 181 13.02 -0.12 -9.14
CA UNK B 181 12.97 1.34 -9.08
C UNK B 181 14.36 1.99 -9.01
N UNK B 182 15.28 1.34 -8.32
CA UNK B 182 16.63 1.89 -8.14
C UNK B 182 17.55 1.73 -9.34
N UNK B 183 17.28 0.74 -10.19
CA UNK B 183 18.13 0.48 -11.35
C UNK B 183 18.04 1.51 -12.48
N UNK B 184 19.20 1.97 -12.96
CA UNK B 184 19.31 2.95 -14.03
C UNK B 184 18.69 2.51 -15.36
N UNK B 185 19.02 1.29 -15.78
CA UNK B 185 18.53 0.73 -17.04
C UNK B 185 17.02 0.42 -17.02
N UNK B 186 16.60 -0.39 -16.04
CA UNK B 186 15.20 -0.80 -15.88
C UNK B 186 14.15 0.32 -15.79
N UNK B 187 13.16 0.24 -16.68
CA UNK B 187 12.04 1.18 -16.79
C UNK B 187 11.88 2.14 -15.63
N UNK B 188 12.70 3.22 -15.66
CA UNK B 188 12.50 4.19 -14.59
C UNK B 188 11.02 4.39 -14.27
N UNK B 189 10.60 3.89 -13.14
CA UNK B 189 9.18 3.96 -12.79
C UNK B 189 8.88 5.33 -12.21
N UNK B 190 7.64 5.78 -12.34
CA UNK B 190 7.27 7.08 -11.83
C UNK B 190 6.40 6.88 -10.60
N UNK B 191 6.56 7.75 -9.61
CA UNK B 191 5.79 7.66 -8.37
C UNK B 191 4.38 8.18 -8.57
N UNK B 192 3.44 7.66 -7.80
CA UNK B 192 2.06 8.08 -7.95
C UNK B 192 1.72 9.33 -7.16
N UNK B 193 2.46 9.63 -6.10
CA UNK B 193 2.14 10.84 -5.37
C UNK B 193 2.97 11.99 -5.91
N UNK B 194 4.26 11.74 -6.08
CA UNK B 194 5.18 12.74 -6.61
C UNK B 194 6.04 12.09 -7.67
N UNK B 195 6.12 12.75 -8.82
CA UNK B 195 6.92 12.26 -9.93
C UNK B 195 7.90 13.36 -10.28
N UNK B 196 9.19 13.04 -10.24
CA UNK B 196 10.23 14.00 -10.54
C UNK B 196 9.91 14.80 -11.79
N UNK B 197 9.89 16.12 -11.64
CA UNK B 197 9.63 17.03 -12.74
C UNK B 197 8.17 17.10 -13.17
N UNK B 198 7.44 16.00 -13.03
CA UNK B 198 6.04 16.00 -13.40
C UNK B 198 5.30 16.95 -12.46
N UNK B 199 5.22 16.61 -11.18
CA UNK B 199 4.55 17.51 -10.25
C UNK B 199 5.52 18.66 -10.00
N UNK B 200 5.03 19.88 -10.18
CA UNK B 200 5.84 21.09 -10.04
C UNK B 200 6.13 21.55 -8.61
N UNK B 201 7.08 22.47 -8.48
CA UNK B 201 7.48 23.01 -7.18
C UNK B 201 8.21 24.34 -7.30
N UNK B 202 8.51 24.95 -6.16
CA UNK B 202 9.17 26.25 -6.11
C UNK B 202 10.62 26.24 -5.66
N UNK B 203 11.41 27.13 -6.25
CA UNK B 203 12.82 27.23 -5.94
C UNK B 203 13.18 28.59 -5.36
N UNK B 204 14.04 28.59 -4.35
CA UNK B 204 14.49 29.83 -3.76
C UNK B 204 15.85 29.65 -3.13
N UNK B 205 16.56 30.76 -3.07
CA UNK B 205 17.87 30.81 -2.46
C UNK B 205 18.96 29.89 -3.07
N UNK B 206 19.22 30.13 -4.35
CA UNK B 206 20.38 29.60 -5.10
C UNK B 206 20.46 28.08 -5.41
N UNK B 207 19.38 27.32 -5.42
CA UNK B 207 19.52 25.89 -5.85
C UNK B 207 19.99 25.92 -7.31
N UNK B 208 20.89 25.03 -7.69
CA UNK B 208 21.38 25.01 -9.05
C UNK B 208 20.75 23.86 -9.82
N UNK B 209 20.25 24.15 -11.02
CA UNK B 209 19.61 23.13 -11.84
C UNK B 209 20.51 22.61 -12.97
N UNK B 210 20.58 21.28 -13.13
CA UNK B 210 21.43 20.72 -14.17
C UNK B 210 21.02 19.29 -14.50
N UNK B 211 21.99 18.45 -14.88
CA UNK B 211 21.72 17.04 -15.23
C UNK B 211 22.58 16.06 -14.42
N UNK B 212 21.98 14.99 -13.95
CA UNK B 212 22.70 13.99 -13.17
C UNK B 212 23.33 12.95 -14.10
N UNK B 213 24.65 12.81 -14.02
CA UNK B 213 25.39 11.86 -14.85
C UNK B 213 25.57 10.52 -14.15
N UNK B 214 24.64 10.19 -13.28
CA UNK B 214 24.70 8.93 -12.55
C UNK B 214 24.31 7.76 -13.46
N UNK B 215 23.24 7.95 -14.23
CA UNK B 215 22.75 6.90 -15.14
C UNK B 215 23.33 7.05 -16.56
N UNK B 216 22.88 8.09 -17.27
CA UNK B 216 23.36 8.35 -18.61
C UNK B 216 24.72 9.02 -18.53
N UNK B 217 25.35 9.24 -19.69
CA UNK B 217 26.66 9.89 -19.73
C UNK B 217 26.91 10.61 -21.05
#